data_8RNN
#
_entry.id   8RNN
#
_cell.length_a   76.126
_cell.length_b   76.126
_cell.length_c   186.725
_cell.angle_alpha   90.00
_cell.angle_beta   90.00
_cell.angle_gamma   90.00
#
_symmetry.space_group_name_H-M   'P 43 21 2'
#
loop_
_entity.id
_entity.type
_entity.pdbx_description
1 polymer 'Unspecific peroxygenase'
2 non-polymer 2-acetamido-2-deoxy-beta-D-glucopyranose
3 non-polymer 'PROTOPORPHYRIN IX CONTAINING FE'
4 non-polymer 17,21-DIHYDROXYPREGNA-1,4-DIENE-3,11,20-TRIONE
5 non-polymer GLYCEROL
6 non-polymer DI(HYDROXYETHYL)ETHER
7 non-polymer 'MAGNESIUM ION'
8 non-polymer 'SULFATE ION'
9 non-polymer 'DIMETHYL SULFOXIDE'
10 water water
#
_entity_poly.entity_id   1
_entity_poly.type   'polypeptide(L)'
_entity_poly.pdbx_seq_one_letter_code
;AVDFSAHPWKAPGPNDSRGPCPGLNTLANHGFLPRNGRNISVPMIVKAGFEGYNVQSDILILAGKVGMLTSREADTISLE
DLKLHGTIEHDASLSREDVAIGDNLHFNEAIFTTLANSNPGADVYNISSAAQVQHDRLADSVARNPNVTNTDLTATIRSS
ESAFYLTVMSAGDPLRGEAPKKFVNVFFQEERMPIKEGWKRSTTPINLPLLGPIIDRITELSDWKPTGDNCGAIVLGPGL
;
_entity_poly.pdbx_strand_id   A,B
#
# COMPACT_ATOMS: atom_id res chain seq x y z
N ALA A 1 19.77 -23.41 -8.00
CA ALA A 1 20.92 -22.86 -8.76
C ALA A 1 20.38 -22.02 -9.91
N VAL A 2 20.90 -20.79 -10.04
CA VAL A 2 20.49 -19.91 -11.13
C VAL A 2 21.51 -20.01 -12.26
N ASP A 3 20.98 -20.23 -13.47
CA ASP A 3 21.77 -20.35 -14.67
C ASP A 3 21.43 -19.17 -15.59
N PHE A 4 22.30 -18.15 -15.64
CA PHE A 4 22.06 -17.00 -16.51
C PHE A 4 22.00 -17.38 -17.99
N SER A 5 22.72 -18.44 -18.40
CA SER A 5 22.68 -18.87 -19.78
C SER A 5 21.30 -19.44 -20.16
N ALA A 6 20.49 -19.86 -19.18
CA ALA A 6 19.13 -20.32 -19.42
C ALA A 6 18.11 -19.17 -19.37
N HIS A 7 18.61 -17.93 -19.24
CA HIS A 7 17.81 -16.72 -19.15
C HIS A 7 18.23 -15.73 -20.24
N PRO A 8 18.05 -16.05 -21.54
CA PRO A 8 18.40 -15.14 -22.63
C PRO A 8 17.47 -13.93 -22.66
N TRP A 9 18.06 -12.79 -23.05
CA TRP A 9 17.27 -11.61 -23.39
C TRP A 9 16.43 -11.90 -24.63
N LYS A 10 15.16 -11.49 -24.58
CA LYS A 10 14.26 -11.49 -25.73
C LYS A 10 13.46 -10.19 -25.68
N ALA A 11 13.38 -9.49 -26.81
CA ALA A 11 12.61 -8.26 -26.89
C ALA A 11 11.14 -8.58 -26.58
N PRO A 12 10.40 -7.73 -25.86
CA PRO A 12 8.98 -7.98 -25.64
C PRO A 12 8.19 -7.90 -26.94
N GLY A 13 7.18 -8.77 -27.08
CA GLY A 13 6.19 -8.63 -28.13
C GLY A 13 5.22 -7.49 -27.82
N PRO A 14 4.31 -7.14 -28.76
CA PRO A 14 3.44 -5.98 -28.58
C PRO A 14 2.41 -6.14 -27.46
N ASN A 15 2.09 -7.40 -27.08
CA ASN A 15 1.13 -7.65 -26.01
CA ASN A 15 1.14 -7.66 -26.01
C ASN A 15 1.83 -8.14 -24.73
N ASP A 16 3.17 -8.09 -24.66
CA ASP A 16 3.88 -8.37 -23.42
C ASP A 16 3.85 -7.11 -22.56
N SER A 17 3.38 -7.22 -21.31
CA SER A 17 3.19 -6.04 -20.46
C SER A 17 4.55 -5.57 -19.94
N ARG A 18 4.84 -4.27 -20.11
CA ARG A 18 6.04 -3.67 -19.60
C ARG A 18 5.63 -2.38 -18.90
N GLY A 19 6.43 -1.96 -17.92
CA GLY A 19 6.08 -0.82 -17.10
C GLY A 19 7.12 0.30 -17.20
N PRO A 20 7.08 1.23 -16.21
CA PRO A 20 8.01 2.35 -16.14
C PRO A 20 9.33 2.05 -15.43
N CYS A 21 9.47 0.79 -14.96
CA CYS A 21 10.62 0.38 -14.18
C CYS A 21 11.56 -0.46 -15.04
N PRO A 22 12.78 0.03 -15.35
CA PRO A 22 13.75 -0.77 -16.10
C PRO A 22 14.21 -2.00 -15.32
N GLY A 23 14.19 -1.94 -13.98
CA GLY A 23 14.62 -3.08 -13.18
C GLY A 23 13.70 -4.27 -13.40
N LEU A 24 12.40 -4.09 -13.25
CA LEU A 24 11.44 -5.17 -13.42
C LEU A 24 11.30 -5.54 -14.89
N ASN A 25 11.37 -4.56 -15.79
CA ASN A 25 11.25 -4.88 -17.22
C ASN A 25 12.41 -5.77 -17.66
N THR A 26 13.62 -5.49 -17.19
CA THR A 26 14.80 -6.27 -17.56
C THR A 26 14.65 -7.70 -17.03
N LEU A 27 14.14 -7.88 -15.80
CA LEU A 27 13.95 -9.22 -15.27
C LEU A 27 12.97 -10.00 -16.15
N ALA A 28 11.89 -9.34 -16.61
CA ALA A 28 10.92 -9.97 -17.50
C ALA A 28 11.55 -10.33 -18.85
N ASN A 29 12.39 -9.45 -19.37
CA ASN A 29 13.00 -9.64 -20.68
C ASN A 29 13.99 -10.81 -20.68
N HIS A 30 14.38 -11.26 -19.48
CA HIS A 30 15.27 -12.41 -19.30
C HIS A 30 14.53 -13.61 -18.70
N GLY A 31 13.21 -13.53 -18.50
CA GLY A 31 12.44 -14.63 -17.97
C GLY A 31 12.64 -14.92 -16.48
N PHE A 32 13.27 -14.00 -15.73
CA PHE A 32 13.31 -14.09 -14.28
C PHE A 32 11.93 -13.76 -13.70
N LEU A 33 11.23 -12.82 -14.36
CA LEU A 33 9.78 -12.67 -14.23
C LEU A 33 9.14 -13.19 -15.52
N PRO A 34 7.83 -13.50 -15.51
CA PRO A 34 7.15 -13.97 -16.72
C PRO A 34 7.38 -13.01 -17.88
N ARG A 35 7.73 -13.56 -19.05
CA ARG A 35 8.03 -12.73 -20.20
C ARG A 35 6.80 -11.91 -20.62
N ASN A 36 5.59 -12.37 -20.31
CA ASN A 36 4.39 -11.64 -20.67
C ASN A 36 4.11 -10.49 -19.71
N GLY A 37 4.89 -10.39 -18.61
CA GLY A 37 4.76 -9.28 -17.69
C GLY A 37 3.47 -9.26 -16.88
N ARG A 38 2.78 -10.41 -16.77
CA ARG A 38 1.49 -10.46 -16.10
CA ARG A 38 1.48 -10.48 -16.12
C ARG A 38 1.48 -11.47 -14.94
N ASN A 39 0.48 -11.31 -14.08
CA ASN A 39 0.19 -12.24 -13.00
C ASN A 39 1.39 -12.31 -12.05
N ILE A 40 1.97 -11.15 -11.72
CA ILE A 40 3.21 -11.06 -10.96
C ILE A 40 2.88 -10.69 -9.52
N SER A 41 3.37 -11.52 -8.59
CA SER A 41 3.16 -11.35 -7.15
C SER A 41 4.42 -10.79 -6.49
N VAL A 42 4.31 -10.39 -5.22
CA VAL A 42 5.48 -9.90 -4.52
C VAL A 42 6.46 -11.05 -4.31
N PRO A 43 6.06 -12.27 -3.92
CA PRO A 43 7.04 -13.37 -3.85
C PRO A 43 7.81 -13.58 -5.15
N MET A 44 7.14 -13.42 -6.30
CA MET A 44 7.80 -13.57 -7.59
C MET A 44 8.86 -12.47 -7.79
N ILE A 45 8.52 -11.23 -7.41
CA ILE A 45 9.45 -10.12 -7.53
C ILE A 45 10.67 -10.34 -6.62
N VAL A 46 10.41 -10.76 -5.37
CA VAL A 46 11.47 -11.02 -4.41
C VAL A 46 12.45 -12.05 -4.99
N LYS A 47 11.94 -13.16 -5.52
CA LYS A 47 12.80 -14.22 -6.03
C LYS A 47 13.56 -13.74 -7.27
N ALA A 48 12.85 -13.05 -8.19
CA ALA A 48 13.47 -12.57 -9.41
C ALA A 48 14.58 -11.57 -9.13
N GLY A 49 14.34 -10.62 -8.21
CA GLY A 49 15.33 -9.61 -7.88
C GLY A 49 16.56 -10.20 -7.20
N PHE A 50 16.33 -11.26 -6.41
CA PHE A 50 17.45 -11.97 -5.79
C PHE A 50 18.27 -12.70 -6.86
N GLU A 51 17.60 -13.49 -7.68
CA GLU A 51 18.26 -14.31 -8.69
C GLU A 51 19.02 -13.43 -9.68
N GLY A 52 18.36 -12.38 -10.19
CA GLY A 52 18.93 -11.58 -11.25
C GLY A 52 20.00 -10.59 -10.78
N TYR A 53 19.78 -9.95 -9.61
CA TYR A 53 20.54 -8.77 -9.25
C TYR A 53 21.18 -8.85 -7.86
N ASN A 54 20.84 -9.88 -7.06
CA ASN A 54 21.25 -9.99 -5.67
C ASN A 54 20.65 -8.85 -4.83
N VAL A 55 19.45 -8.41 -5.21
CA VAL A 55 18.71 -7.46 -4.39
C VAL A 55 17.88 -8.25 -3.40
N GLN A 56 17.90 -7.81 -2.14
CA GLN A 56 17.35 -8.58 -1.03
C GLN A 56 15.88 -8.26 -0.80
N SER A 57 15.25 -9.09 0.04
CA SER A 57 13.81 -9.05 0.23
C SER A 57 13.34 -7.81 0.97
N ASP A 58 14.20 -7.19 1.77
CA ASP A 58 13.79 -6.03 2.57
C ASP A 58 13.21 -4.94 1.66
N ILE A 59 13.98 -4.53 0.65
CA ILE A 59 13.51 -3.45 -0.22
C ILE A 59 12.42 -3.96 -1.16
N LEU A 60 12.50 -5.21 -1.63
CA LEU A 60 11.56 -5.71 -2.62
C LEU A 60 10.17 -5.98 -2.02
N ILE A 61 10.10 -6.38 -0.74
CA ILE A 61 8.82 -6.51 -0.06
C ILE A 61 8.18 -5.14 0.15
N LEU A 62 8.98 -4.18 0.61
CA LEU A 62 8.48 -2.84 0.89
C LEU A 62 7.93 -2.19 -0.40
N ALA A 63 8.74 -2.16 -1.46
CA ALA A 63 8.33 -1.56 -2.72
C ALA A 63 7.25 -2.39 -3.42
N GLY A 64 7.40 -3.71 -3.36
CA GLY A 64 6.48 -4.61 -4.02
C GLY A 64 5.04 -4.45 -3.54
N LYS A 65 4.85 -4.38 -2.22
CA LYS A 65 3.50 -4.27 -1.69
C LYS A 65 2.89 -2.90 -2.02
N VAL A 66 3.70 -1.84 -2.10
CA VAL A 66 3.18 -0.56 -2.58
C VAL A 66 2.77 -0.71 -4.05
N GLY A 67 3.60 -1.39 -4.85
CA GLY A 67 3.29 -1.61 -6.25
C GLY A 67 1.99 -2.41 -6.47
N MET A 68 1.69 -3.37 -5.59
CA MET A 68 0.48 -4.14 -5.68
C MET A 68 -0.76 -3.25 -5.67
N LEU A 69 -0.69 -2.07 -5.03
CA LEU A 69 -1.85 -1.21 -4.94
C LEU A 69 -2.33 -0.75 -6.32
N THR A 70 -1.46 -0.82 -7.34
CA THR A 70 -1.78 -0.22 -8.63
C THR A 70 -2.73 -1.08 -9.47
N SER A 71 -2.98 -2.34 -9.09
CA SER A 71 -3.87 -3.20 -9.84
C SER A 71 -5.22 -3.34 -9.14
N ARG A 72 -6.16 -4.03 -9.83
CA ARG A 72 -7.46 -4.37 -9.29
CA ARG A 72 -7.45 -4.36 -9.28
C ARG A 72 -7.48 -5.80 -8.76
N GLU A 73 -6.33 -6.49 -8.79
CA GLU A 73 -6.30 -7.89 -8.39
C GLU A 73 -5.89 -8.02 -6.93
N ALA A 74 -6.25 -9.15 -6.32
CA ALA A 74 -5.99 -9.42 -4.90
C ALA A 74 -4.50 -9.43 -4.55
N ASP A 75 -3.63 -10.01 -5.39
CA ASP A 75 -2.24 -10.17 -4.99
C ASP A 75 -1.26 -10.20 -6.18
N THR A 76 -1.67 -9.65 -7.33
CA THR A 76 -0.78 -9.59 -8.48
C THR A 76 -0.98 -8.27 -9.22
N ILE A 77 0.00 -7.98 -10.07
CA ILE A 77 -0.02 -6.87 -11.00
C ILE A 77 0.39 -7.36 -12.39
N SER A 78 0.09 -6.53 -13.40
CA SER A 78 0.87 -6.49 -14.63
CA SER A 78 0.87 -6.49 -14.63
C SER A 78 1.92 -5.40 -14.48
N LEU A 79 3.04 -5.53 -15.20
CA LEU A 79 4.08 -4.50 -15.09
C LEU A 79 3.54 -3.15 -15.53
N GLU A 80 2.68 -3.10 -16.55
CA GLU A 80 2.17 -1.82 -17.03
C GLU A 80 1.37 -1.13 -15.93
N ASP A 81 0.71 -1.89 -15.04
CA ASP A 81 -0.08 -1.28 -13.97
C ASP A 81 0.74 -0.27 -13.17
N LEU A 82 2.06 -0.49 -13.01
CA LEU A 82 2.92 0.35 -12.19
C LEU A 82 3.05 1.78 -12.73
N LYS A 83 2.53 2.05 -13.94
CA LYS A 83 2.55 3.42 -14.46
C LYS A 83 1.58 4.32 -13.70
N LEU A 84 0.71 3.75 -12.84
CA LEU A 84 -0.30 4.54 -12.14
C LEU A 84 0.35 5.73 -11.45
N HIS A 85 -0.02 6.95 -11.89
CA HIS A 85 0.66 8.14 -11.40
C HIS A 85 0.29 8.41 -9.95
N GLY A 86 1.32 8.64 -9.13
CA GLY A 86 1.13 9.05 -7.75
C GLY A 86 1.04 7.90 -6.76
N THR A 87 1.21 6.65 -7.20
CA THR A 87 1.49 5.56 -6.27
C THR A 87 3.00 5.51 -6.07
N ILE A 88 3.74 4.89 -7.01
CA ILE A 88 5.18 5.01 -7.08
C ILE A 88 5.56 5.95 -8.22
N GLU A 89 4.93 5.77 -9.39
CA GLU A 89 5.30 6.55 -10.57
C GLU A 89 5.19 8.06 -10.25
N HIS A 90 6.22 8.80 -10.68
CA HIS A 90 6.41 10.20 -10.31
C HIS A 90 6.96 11.01 -11.48
N ASP A 91 6.85 12.33 -11.36
CA ASP A 91 7.48 13.25 -12.28
C ASP A 91 9.00 13.27 -12.11
N ALA A 92 9.70 13.89 -13.07
CA ALA A 92 11.16 14.01 -13.03
C ALA A 92 11.81 12.63 -12.98
N SER A 93 11.30 11.72 -13.82
CA SER A 93 11.94 10.44 -14.06
C SER A 93 13.22 10.66 -14.88
N LEU A 94 14.09 9.64 -14.88
CA LEU A 94 15.38 9.67 -15.58
C LEU A 94 15.23 9.39 -17.07
N SER A 95 14.19 8.65 -17.45
CA SER A 95 14.10 8.11 -18.80
C SER A 95 12.67 8.10 -19.35
N ARG A 96 11.70 8.64 -18.58
CA ARG A 96 10.31 8.74 -18.97
C ARG A 96 9.88 10.21 -18.87
N GLU A 97 8.79 10.55 -19.56
CA GLU A 97 8.22 11.88 -19.48
C GLU A 97 7.23 11.96 -18.32
N ASP A 98 6.93 13.18 -17.85
CA ASP A 98 5.90 13.41 -16.85
C ASP A 98 4.53 13.16 -17.49
N VAL A 99 3.61 12.53 -16.74
CA VAL A 99 2.34 12.08 -17.31
C VAL A 99 1.50 13.27 -17.80
N ALA A 100 1.60 14.44 -17.17
CA ALA A 100 0.77 15.56 -17.55
C ALA A 100 1.16 16.15 -18.91
N ILE A 101 2.40 15.93 -19.35
CA ILE A 101 2.92 16.52 -20.58
C ILE A 101 3.48 15.46 -21.54
N GLY A 102 3.25 14.16 -21.27
CA GLY A 102 3.79 13.14 -22.14
C GLY A 102 3.56 11.72 -21.60
N ASP A 103 4.42 10.81 -22.07
CA ASP A 103 4.29 9.38 -21.89
C ASP A 103 5.13 9.00 -20.67
N ASN A 104 4.45 8.56 -19.60
CA ASN A 104 5.10 8.25 -18.34
C ASN A 104 5.48 6.76 -18.25
N LEU A 105 5.35 6.03 -19.36
CA LEU A 105 5.46 4.58 -19.37
C LEU A 105 6.74 4.12 -20.08
N HIS A 106 6.96 4.61 -21.31
CA HIS A 106 8.01 4.08 -22.18
C HIS A 106 9.33 4.84 -22.05
N PHE A 107 10.42 4.11 -22.26
CA PHE A 107 11.75 4.71 -22.40
C PHE A 107 11.74 5.79 -23.49
N ASN A 108 12.33 6.95 -23.17
CA ASN A 108 12.44 8.07 -24.09
C ASN A 108 13.89 8.54 -24.16
N GLU A 109 14.51 8.44 -25.34
CA GLU A 109 15.92 8.73 -25.49
C GLU A 109 16.22 10.20 -25.20
N ALA A 110 15.33 11.11 -25.61
CA ALA A 110 15.55 12.53 -25.42
C ALA A 110 15.59 12.88 -23.93
N ILE A 111 14.75 12.23 -23.13
CA ILE A 111 14.78 12.44 -21.68
C ILE A 111 16.09 11.89 -21.13
N PHE A 112 16.44 10.67 -21.57
CA PHE A 112 17.61 9.95 -21.10
C PHE A 112 18.92 10.70 -21.38
N THR A 113 18.92 11.65 -22.31
CA THR A 113 20.13 12.36 -22.69
CA THR A 113 20.14 12.35 -22.69
C THR A 113 20.81 12.98 -21.48
N THR A 114 20.03 13.50 -20.52
CA THR A 114 20.62 14.14 -19.35
C THR A 114 21.49 13.13 -18.60
N LEU A 115 20.95 11.96 -18.29
CA LEU A 115 21.74 10.91 -17.63
C LEU A 115 22.90 10.46 -18.51
N ALA A 116 22.64 10.20 -19.80
CA ALA A 116 23.65 9.70 -20.72
C ALA A 116 24.88 10.62 -20.76
N ASN A 117 24.65 11.94 -20.65
CA ASN A 117 25.69 12.95 -20.77
C ASN A 117 26.29 13.35 -19.42
N SER A 118 25.84 12.72 -18.32
CA SER A 118 26.35 13.04 -17.00
C SER A 118 27.75 12.45 -16.77
N ASN A 119 28.43 12.96 -15.76
CA ASN A 119 29.78 12.60 -15.38
C ASN A 119 30.73 12.67 -16.58
N PRO A 120 30.84 13.85 -17.21
CA PRO A 120 31.78 14.03 -18.31
C PRO A 120 33.22 13.71 -17.90
N GLY A 121 33.95 13.03 -18.79
CA GLY A 121 35.36 12.73 -18.60
C GLY A 121 35.63 11.42 -17.86
N ALA A 122 34.57 10.69 -17.50
CA ALA A 122 34.69 9.42 -16.79
C ALA A 122 33.89 8.35 -17.54
N ASP A 123 34.21 7.07 -17.29
CA ASP A 123 33.52 5.97 -17.93
C ASP A 123 32.53 5.32 -16.96
N VAL A 124 32.26 5.98 -15.83
CA VAL A 124 31.27 5.51 -14.86
C VAL A 124 30.31 6.64 -14.53
N TYR A 125 29.09 6.27 -14.11
CA TYR A 125 28.20 7.16 -13.37
C TYR A 125 28.47 6.93 -11.88
N ASN A 126 28.33 7.97 -11.05
CA ASN A 126 28.56 7.83 -9.62
C ASN A 126 27.58 8.68 -8.83
N ILE A 127 27.79 8.80 -7.51
CA ILE A 127 26.84 9.48 -6.64
C ILE A 127 26.72 10.96 -7.02
N SER A 128 27.84 11.65 -7.30
CA SER A 128 27.76 13.07 -7.60
CA SER A 128 27.79 13.08 -7.62
C SER A 128 27.07 13.29 -8.94
N SER A 129 27.37 12.46 -9.95
CA SER A 129 26.69 12.61 -11.24
C SER A 129 25.20 12.31 -11.10
N ALA A 130 24.85 11.28 -10.33
CA ALA A 130 23.46 10.91 -10.15
C ALA A 130 22.67 12.07 -9.54
N ALA A 131 23.30 12.76 -8.57
CA ALA A 131 22.66 13.88 -7.89
C ALA A 131 22.45 15.04 -8.84
N GLN A 132 23.45 15.30 -9.69
CA GLN A 132 23.35 16.37 -10.68
C GLN A 132 22.18 16.11 -11.63
N VAL A 133 22.06 14.86 -12.08
CA VAL A 133 21.00 14.48 -13.00
C VAL A 133 19.64 14.70 -12.33
N GLN A 134 19.48 14.27 -11.07
CA GLN A 134 18.22 14.49 -10.35
C GLN A 134 17.90 15.97 -10.25
N HIS A 135 18.90 16.81 -9.91
CA HIS A 135 18.69 18.25 -9.88
C HIS A 135 18.16 18.79 -11.22
N ASP A 136 18.77 18.33 -12.31
CA ASP A 136 18.48 18.87 -13.64
C ASP A 136 17.11 18.38 -14.12
N ARG A 137 16.78 17.12 -13.83
CA ARG A 137 15.50 16.56 -14.24
C ARG A 137 14.34 17.23 -13.51
N LEU A 138 14.53 17.51 -12.20
CA LEU A 138 13.49 18.20 -11.44
C LEU A 138 13.33 19.62 -11.98
N ALA A 139 14.44 20.30 -12.28
CA ALA A 139 14.36 21.66 -12.83
C ALA A 139 13.56 21.66 -14.14
N ASP A 140 13.76 20.63 -14.97
CA ASP A 140 13.05 20.50 -16.23
C ASP A 140 11.54 20.35 -15.98
N SER A 141 11.15 19.49 -15.04
CA SER A 141 9.74 19.36 -14.68
C SER A 141 9.15 20.67 -14.14
N VAL A 142 9.89 21.38 -13.29
CA VAL A 142 9.39 22.64 -12.73
C VAL A 142 9.18 23.65 -13.88
N ALA A 143 10.10 23.64 -14.85
CA ALA A 143 10.02 24.58 -15.97
C ALA A 143 8.83 24.28 -16.89
N ARG A 144 8.55 23.00 -17.17
CA ARG A 144 7.73 22.63 -18.32
C ARG A 144 6.41 21.94 -17.96
N ASN A 145 6.23 21.51 -16.70
CA ASN A 145 5.05 20.76 -16.32
C ASN A 145 4.20 21.57 -15.34
N PRO A 146 3.02 22.12 -15.76
CA PRO A 146 2.20 22.89 -14.83
C PRO A 146 1.55 22.09 -13.71
N ASN A 147 1.63 20.75 -13.79
CA ASN A 147 1.05 19.87 -12.79
C ASN A 147 2.13 19.12 -11.99
N VAL A 148 3.37 19.61 -12.02
CA VAL A 148 4.53 18.97 -11.37
C VAL A 148 4.23 18.69 -9.90
N THR A 149 4.59 17.47 -9.45
CA THR A 149 4.54 17.09 -8.05
C THR A 149 5.96 16.77 -7.60
N ASN A 150 6.39 17.42 -6.51
CA ASN A 150 7.73 17.28 -5.96
C ASN A 150 7.63 17.32 -4.43
N THR A 151 7.71 16.15 -3.80
CA THR A 151 7.57 16.02 -2.36
C THR A 151 8.80 15.31 -1.78
N ASP A 152 8.95 15.29 -0.44
CA ASP A 152 10.00 14.53 0.22
CA ASP A 152 10.07 14.56 0.12
C ASP A 152 9.97 13.09 -0.28
N LEU A 153 8.76 12.55 -0.40
CA LEU A 153 8.58 11.16 -0.79
C LEU A 153 9.05 10.97 -2.24
N THR A 154 8.60 11.79 -3.20
CA THR A 154 9.03 11.58 -4.58
C THR A 154 10.55 11.75 -4.68
N ALA A 155 11.12 12.71 -3.94
CA ALA A 155 12.55 12.98 -3.98
C ALA A 155 13.34 11.76 -3.45
N THR A 156 12.82 11.14 -2.41
CA THR A 156 13.44 9.94 -1.81
C THR A 156 13.34 8.75 -2.76
N ILE A 157 12.18 8.58 -3.39
CA ILE A 157 11.97 7.50 -4.36
C ILE A 157 12.95 7.69 -5.52
N ARG A 158 13.11 8.94 -5.99
CA ARG A 158 14.03 9.21 -7.08
C ARG A 158 15.47 8.85 -6.70
N SER A 159 15.90 9.19 -5.49
CA SER A 159 17.24 8.85 -5.04
C SER A 159 17.40 7.33 -4.94
N SER A 160 16.33 6.64 -4.51
CA SER A 160 16.35 5.19 -4.41
C SER A 160 16.58 4.55 -5.78
N GLU A 161 15.90 5.10 -6.79
CA GLU A 161 16.01 4.60 -8.15
C GLU A 161 17.42 4.83 -8.70
N SER A 162 18.00 6.01 -8.43
CA SER A 162 19.37 6.27 -8.84
C SER A 162 20.33 5.31 -8.13
N ALA A 163 20.10 5.07 -6.83
CA ALA A 163 20.93 4.13 -6.10
C ALA A 163 20.83 2.73 -6.71
N PHE A 164 19.64 2.35 -7.19
CA PHE A 164 19.47 1.06 -7.85
C PHE A 164 20.33 0.95 -9.11
N TYR A 165 20.31 1.95 -10.02
CA TYR A 165 21.11 1.79 -11.23
C TYR A 165 22.59 1.77 -10.90
N LEU A 166 23.04 2.52 -9.88
CA LEU A 166 24.44 2.58 -9.52
C LEU A 166 24.91 1.25 -8.91
N THR A 167 24.02 0.53 -8.23
CA THR A 167 24.42 -0.68 -7.51
C THR A 167 24.21 -1.93 -8.34
N VAL A 168 23.03 -2.10 -8.94
CA VAL A 168 22.71 -3.35 -9.61
C VAL A 168 23.55 -3.52 -10.87
N MET A 169 23.89 -2.41 -11.52
CA MET A 169 24.69 -2.45 -12.76
C MET A 169 26.17 -2.18 -12.49
N SER A 170 26.63 -2.34 -11.24
CA SER A 170 28.02 -2.10 -10.88
C SER A 170 28.92 -3.17 -11.50
N ALA A 171 30.21 -2.82 -11.62
CA ALA A 171 31.26 -3.77 -11.96
C ALA A 171 31.94 -4.27 -10.69
N GLY A 172 32.29 -3.32 -9.80
CA GLY A 172 32.91 -3.63 -8.53
C GLY A 172 31.87 -3.76 -7.41
N ASP A 173 32.33 -3.68 -6.17
CA ASP A 173 31.46 -3.78 -5.02
C ASP A 173 30.38 -2.71 -5.15
N PRO A 174 29.08 -3.07 -5.09
CA PRO A 174 28.02 -2.06 -5.17
C PRO A 174 28.12 -0.97 -4.09
N LEU A 175 28.80 -1.26 -2.96
CA LEU A 175 29.09 -0.26 -1.93
C LEU A 175 29.67 1.03 -2.49
N ARG A 176 30.47 0.93 -3.57
CA ARG A 176 31.23 2.06 -4.08
C ARG A 176 30.31 3.10 -4.74
N GLY A 177 29.08 2.70 -5.10
CA GLY A 177 28.13 3.66 -5.66
C GLY A 177 28.59 4.20 -7.00
N GLU A 178 29.10 3.32 -7.87
CA GLU A 178 29.47 3.70 -9.21
C GLU A 178 29.25 2.49 -10.13
N ALA A 179 28.88 2.79 -11.38
CA ALA A 179 28.55 1.79 -12.36
C ALA A 179 29.08 2.22 -13.73
N PRO A 180 29.65 1.30 -14.52
CA PRO A 180 30.04 1.60 -15.90
C PRO A 180 28.88 2.18 -16.73
N LYS A 181 29.15 3.29 -17.43
CA LYS A 181 28.16 3.90 -18.31
C LYS A 181 27.68 2.87 -19.33
N LYS A 182 28.59 2.04 -19.85
CA LYS A 182 28.20 1.09 -20.87
C LYS A 182 27.18 0.08 -20.35
N PHE A 183 27.24 -0.28 -19.06
CA PHE A 183 26.27 -1.20 -18.48
C PHE A 183 24.93 -0.49 -18.22
N VAL A 184 24.98 0.67 -17.55
CA VAL A 184 23.76 1.41 -17.21
C VAL A 184 23.01 1.81 -18.49
N ASN A 185 23.73 2.18 -19.56
CA ASN A 185 23.08 2.59 -20.79
C ASN A 185 22.31 1.43 -21.41
N VAL A 186 22.88 0.22 -21.42
CA VAL A 186 22.19 -0.95 -21.96
C VAL A 186 20.93 -1.24 -21.12
N PHE A 187 21.10 -1.15 -19.80
CA PHE A 187 20.02 -1.40 -18.86
C PHE A 187 18.79 -0.55 -19.19
N PHE A 188 18.99 0.77 -19.36
CA PHE A 188 17.90 1.70 -19.65
C PHE A 188 17.41 1.56 -21.10
N GLN A 189 18.36 1.59 -22.06
CA GLN A 189 18.00 1.73 -23.46
C GLN A 189 17.40 0.44 -24.02
N GLU A 190 17.84 -0.72 -23.53
CA GLU A 190 17.41 -2.00 -24.08
C GLU A 190 16.70 -2.87 -23.03
N GLU A 191 16.74 -2.48 -21.75
CA GLU A 191 16.17 -3.28 -20.68
C GLU A 191 16.70 -4.72 -20.82
N ARG A 192 18.04 -4.77 -20.82
CA ARG A 192 18.81 -5.99 -20.96
C ARG A 192 19.94 -6.00 -19.93
N MET A 193 20.27 -7.20 -19.41
CA MET A 193 21.46 -7.38 -18.58
C MET A 193 22.68 -7.42 -19.49
N PRO A 194 23.67 -6.51 -19.33
CA PRO A 194 24.76 -6.39 -20.28
C PRO A 194 25.83 -7.47 -20.14
N ILE A 195 25.44 -8.73 -20.36
CA ILE A 195 26.26 -9.91 -20.12
C ILE A 195 27.42 -9.97 -21.13
N LYS A 196 27.12 -9.85 -22.43
CA LYS A 196 28.12 -9.81 -23.49
C LYS A 196 29.15 -8.71 -23.22
N GLU A 197 28.71 -7.61 -22.59
CA GLU A 197 29.53 -6.43 -22.34
C GLU A 197 30.41 -6.59 -21.09
N GLY A 198 30.16 -7.63 -20.28
CA GLY A 198 31.01 -7.98 -19.15
C GLY A 198 30.33 -7.89 -17.79
N TRP A 199 29.05 -7.50 -17.75
CA TRP A 199 28.34 -7.40 -16.48
C TRP A 199 28.13 -8.77 -15.84
N LYS A 200 28.24 -8.83 -14.52
CA LYS A 200 27.90 -10.00 -13.73
C LYS A 200 27.09 -9.55 -12.51
N ARG A 201 26.08 -10.36 -12.15
CA ARG A 201 25.33 -10.18 -10.92
C ARG A 201 26.28 -9.91 -9.75
N SER A 202 25.97 -8.89 -8.94
CA SER A 202 26.72 -8.58 -7.73
C SER A 202 26.85 -9.81 -6.84
N THR A 203 28.06 -10.04 -6.30
CA THR A 203 28.26 -11.09 -5.31
C THR A 203 28.02 -10.55 -3.91
N THR A 204 27.83 -9.23 -3.79
CA THR A 204 27.48 -8.56 -2.54
C THR A 204 25.97 -8.31 -2.50
N PRO A 205 25.25 -8.71 -1.42
CA PRO A 205 23.82 -8.43 -1.30
C PRO A 205 23.55 -6.92 -1.32
N ILE A 206 22.53 -6.54 -2.09
CA ILE A 206 22.05 -5.16 -2.15
C ILE A 206 20.76 -5.07 -1.34
N ASN A 207 20.84 -4.40 -0.18
CA ASN A 207 19.74 -4.34 0.78
C ASN A 207 19.60 -2.91 1.29
N LEU A 208 18.65 -2.66 2.20
CA LEU A 208 18.42 -1.30 2.69
C LEU A 208 19.66 -0.76 3.40
N PRO A 209 20.36 -1.52 4.28
CA PRO A 209 21.59 -1.01 4.90
C PRO A 209 22.63 -0.53 3.90
N LEU A 210 22.76 -1.21 2.75
CA LEU A 210 23.74 -0.83 1.75
C LEU A 210 23.24 0.42 1.02
N LEU A 211 21.96 0.46 0.66
CA LEU A 211 21.43 1.53 -0.19
C LEU A 211 21.25 2.83 0.59
N GLY A 212 20.94 2.73 1.88
CA GLY A 212 20.53 3.89 2.65
C GLY A 212 21.49 5.07 2.56
N PRO A 213 22.79 4.89 2.89
CA PRO A 213 23.73 6.01 2.85
C PRO A 213 23.95 6.53 1.44
N ILE A 214 23.80 5.67 0.42
CA ILE A 214 23.96 6.10 -0.96
C ILE A 214 22.79 7.03 -1.31
N ILE A 215 21.58 6.60 -0.97
CA ILE A 215 20.36 7.37 -1.20
C ILE A 215 20.50 8.74 -0.55
N ASP A 216 20.93 8.77 0.71
CA ASP A 216 20.97 10.01 1.47
C ASP A 216 22.02 10.96 0.89
N ARG A 217 23.13 10.41 0.40
CA ARG A 217 24.19 11.22 -0.17
C ARG A 217 23.76 11.80 -1.53
N ILE A 218 23.07 11.00 -2.35
CA ILE A 218 22.52 11.51 -3.61
C ILE A 218 21.59 12.68 -3.32
N THR A 219 20.67 12.52 -2.37
CA THR A 219 19.77 13.60 -2.00
C THR A 219 20.54 14.84 -1.59
N GLU A 220 21.53 14.66 -0.71
CA GLU A 220 22.26 15.79 -0.16
C GLU A 220 22.97 16.58 -1.27
N LEU A 221 23.60 15.89 -2.23
CA LEU A 221 24.37 16.54 -3.28
C LEU A 221 23.46 17.17 -4.34
N SER A 222 22.18 16.79 -4.35
CA SER A 222 21.26 17.22 -5.40
C SER A 222 20.69 18.62 -5.15
N ASP A 223 20.99 19.23 -3.99
CA ASP A 223 20.55 20.58 -3.69
C ASP A 223 19.02 20.64 -3.82
N TRP A 224 18.33 19.67 -3.18
CA TRP A 224 16.88 19.54 -3.23
C TRP A 224 16.25 20.44 -2.18
N LYS A 225 15.13 21.07 -2.55
CA LYS A 225 14.35 21.89 -1.63
C LYS A 225 12.87 21.64 -1.89
N PRO A 226 11.99 21.75 -0.87
CA PRO A 226 10.54 21.73 -1.10
C PRO A 226 10.11 22.93 -1.94
N THR A 227 9.09 22.73 -2.77
CA THR A 227 8.69 23.70 -3.78
C THR A 227 7.21 24.04 -3.63
N GLY A 228 6.47 23.21 -2.89
CA GLY A 228 5.03 23.34 -2.73
C GLY A 228 4.47 22.34 -1.71
N ASP A 229 3.43 21.61 -2.11
CA ASP A 229 2.53 20.88 -1.21
C ASP A 229 3.29 20.10 -0.11
N ASN A 230 4.14 19.17 -0.53
CA ASN A 230 5.03 18.36 0.31
C ASN A 230 4.33 17.25 1.10
N CYS A 231 3.02 17.04 0.90
CA CYS A 231 2.31 15.91 1.49
C CYS A 231 2.62 14.65 0.70
N GLY A 232 3.27 13.67 1.36
CA GLY A 232 3.68 12.43 0.72
C GLY A 232 2.56 11.38 0.68
N ALA A 233 1.39 11.80 0.19
CA ALA A 233 0.21 10.95 0.10
C ALA A 233 0.22 10.16 -1.21
N ILE A 234 0.23 8.83 -1.11
CA ILE A 234 0.19 7.99 -2.29
C ILE A 234 -1.26 7.70 -2.67
N VAL A 235 -1.46 7.43 -3.97
CA VAL A 235 -2.70 6.91 -4.53
C VAL A 235 -2.84 5.44 -4.11
N LEU A 236 -3.99 5.06 -3.53
CA LEU A 236 -4.11 3.78 -2.84
C LEU A 236 -4.68 2.69 -3.74
N GLY A 237 -5.15 3.05 -4.93
CA GLY A 237 -5.67 2.08 -5.88
C GLY A 237 -6.09 2.75 -7.18
N PRO A 238 -6.32 1.98 -8.27
CA PRO A 238 -6.72 2.58 -9.53
C PRO A 238 -8.17 3.04 -9.52
N GLY A 239 -8.47 4.09 -10.28
CA GLY A 239 -9.82 4.54 -10.55
C GLY A 239 -10.57 5.03 -9.31
N LEU A 240 -9.90 5.80 -8.43
CA LEU A 240 -10.56 6.41 -7.29
C LEU A 240 -10.88 7.88 -7.62
N ALA B 1 -23.76 -20.66 -0.64
CA ALA B 1 -23.96 -21.67 0.43
C ALA B 1 -22.79 -21.58 1.43
N VAL B 2 -23.12 -21.42 2.71
CA VAL B 2 -22.13 -21.45 3.78
C VAL B 2 -22.73 -22.16 5.00
N ASP B 3 -21.95 -23.03 5.66
CA ASP B 3 -22.38 -23.75 6.85
C ASP B 3 -21.74 -23.15 8.11
N PHE B 4 -22.55 -22.39 8.85
CA PHE B 4 -22.07 -21.67 10.02
C PHE B 4 -21.88 -22.63 11.19
N SER B 5 -22.55 -23.79 11.15
CA SER B 5 -22.32 -24.83 12.15
C SER B 5 -20.90 -25.40 12.07
N ALA B 6 -20.27 -25.32 10.88
CA ALA B 6 -18.89 -25.75 10.69
C ALA B 6 -17.90 -24.66 11.13
N HIS B 7 -18.44 -23.49 11.50
CA HIS B 7 -17.66 -22.31 11.85
C HIS B 7 -18.10 -21.78 13.22
N PRO B 8 -17.90 -22.55 14.31
CA PRO B 8 -18.31 -22.09 15.63
C PRO B 8 -17.38 -21.01 16.17
N TRP B 9 -17.94 -20.10 16.96
CA TRP B 9 -17.14 -19.16 17.74
C TRP B 9 -16.32 -19.89 18.78
N LYS B 10 -15.04 -19.53 18.88
CA LYS B 10 -14.16 -19.99 19.95
C LYS B 10 -13.32 -18.81 20.40
N ALA B 11 -13.21 -18.63 21.73
CA ALA B 11 -12.41 -17.54 22.28
C ALA B 11 -10.97 -17.69 21.85
N PRO B 12 -10.26 -16.60 21.50
CA PRO B 12 -8.85 -16.72 21.11
C PRO B 12 -7.98 -17.18 22.27
N GLY B 13 -7.06 -18.09 21.95
CA GLY B 13 -6.06 -18.57 22.90
C GLY B 13 -4.93 -17.57 23.07
N PRO B 14 -3.95 -17.86 23.95
CA PRO B 14 -2.97 -16.86 24.34
C PRO B 14 -1.96 -16.51 23.25
N ASN B 15 -1.80 -17.39 22.26
CA ASN B 15 -0.87 -17.17 21.16
C ASN B 15 -1.62 -16.78 19.88
N ASP B 16 -2.94 -16.52 19.97
CA ASP B 16 -3.72 -16.17 18.79
C ASP B 16 -3.57 -14.67 18.53
N SER B 17 -3.19 -14.29 17.30
CA SER B 17 -3.04 -12.88 16.95
C SER B 17 -4.41 -12.27 16.67
N ARG B 18 -4.70 -11.14 17.33
CA ARG B 18 -5.90 -10.37 17.06
C ARG B 18 -5.49 -8.92 16.89
N GLY B 19 -6.32 -8.16 16.16
CA GLY B 19 -5.94 -6.79 15.80
C GLY B 19 -6.98 -5.77 16.25
N PRO B 20 -6.96 -4.56 15.66
CA PRO B 20 -7.90 -3.51 16.01
C PRO B 20 -9.22 -3.54 15.25
N CYS B 21 -9.37 -4.53 14.36
CA CYS B 21 -10.54 -4.63 13.50
C CYS B 21 -11.48 -5.72 14.01
N PRO B 22 -12.68 -5.37 14.49
CA PRO B 22 -13.66 -6.39 14.90
C PRO B 22 -14.13 -7.27 13.74
N GLY B 23 -14.14 -6.74 12.52
CA GLY B 23 -14.56 -7.52 11.37
C GLY B 23 -13.66 -8.73 11.14
N LEU B 24 -12.35 -8.49 11.05
CA LEU B 24 -11.40 -9.56 10.80
C LEU B 24 -11.26 -10.43 12.05
N ASN B 25 -11.29 -9.83 13.24
CA ASN B 25 -11.16 -10.62 14.46
C ASN B 25 -12.30 -11.62 14.59
N THR B 26 -13.52 -11.19 14.27
CA THR B 26 -14.70 -12.06 14.33
C THR B 26 -14.56 -13.20 13.32
N LEU B 27 -14.08 -12.92 12.10
CA LEU B 27 -13.91 -13.99 11.12
C LEU B 27 -12.92 -15.03 11.64
N ALA B 28 -11.83 -14.58 12.28
CA ALA B 28 -10.85 -15.49 12.85
C ALA B 28 -11.45 -16.30 13.99
N ASN B 29 -12.29 -15.68 14.80
CA ASN B 29 -12.87 -16.35 15.96
C ASN B 29 -13.86 -17.43 15.55
N HIS B 30 -14.27 -17.43 14.28
CA HIS B 30 -15.16 -18.43 13.70
C HIS B 30 -14.44 -19.34 12.70
N GLY B 31 -13.13 -19.18 12.55
CA GLY B 31 -12.36 -20.03 11.64
C GLY B 31 -12.60 -19.77 10.15
N PHE B 32 -13.24 -18.63 9.79
CA PHE B 32 -13.30 -18.21 8.40
C PHE B 32 -11.93 -17.69 7.95
N LEU B 33 -11.21 -17.03 8.89
CA LEU B 33 -9.77 -16.86 8.81
C LEU B 33 -9.12 -17.80 9.81
N PRO B 34 -7.82 -18.11 9.68
CA PRO B 34 -7.13 -18.97 10.65
C PRO B 34 -7.37 -18.47 12.07
N ARG B 35 -7.70 -19.39 12.98
CA ARG B 35 -7.99 -19.00 14.34
C ARG B 35 -6.77 -18.37 14.98
N ASN B 36 -5.55 -18.72 14.53
CA ASN B 36 -4.34 -18.17 15.13
C ASN B 36 -4.06 -16.75 14.64
N GLY B 37 -4.84 -16.28 13.66
CA GLY B 37 -4.74 -14.90 13.21
C GLY B 37 -3.46 -14.59 12.45
N ARG B 38 -2.76 -15.60 11.92
CA ARG B 38 -1.45 -15.42 11.33
CA ARG B 38 -1.45 -15.42 11.32
C ARG B 38 -1.44 -15.90 9.87
N ASN B 39 -0.46 -15.38 9.13
CA ASN B 39 -0.21 -15.72 7.73
C ASN B 39 -1.50 -15.59 6.91
N ILE B 40 -2.13 -14.40 7.03
CA ILE B 40 -3.39 -14.09 6.36
C ILE B 40 -3.10 -13.22 5.13
N SER B 41 -3.60 -13.68 3.98
CA SER B 41 -3.38 -13.04 2.69
C SER B 41 -4.64 -12.30 2.25
N VAL B 42 -4.52 -11.49 1.20
CA VAL B 42 -5.70 -10.79 0.71
C VAL B 42 -6.69 -11.80 0.14
N PRO B 43 -6.29 -12.82 -0.66
CA PRO B 43 -7.26 -13.82 -1.10
C PRO B 43 -8.02 -14.48 0.05
N MET B 44 -7.34 -14.73 1.17
CA MET B 44 -7.99 -15.33 2.32
C MET B 44 -9.03 -14.38 2.91
N ILE B 45 -8.70 -13.07 2.98
CA ILE B 45 -9.64 -12.07 3.49
C ILE B 45 -10.85 -11.96 2.56
N VAL B 46 -10.61 -11.92 1.25
CA VAL B 46 -11.70 -11.86 0.28
C VAL B 46 -12.67 -13.04 0.48
N LYS B 47 -12.14 -14.26 0.59
CA LYS B 47 -12.99 -15.43 0.72
C LYS B 47 -13.74 -15.40 2.06
N ALA B 48 -13.02 -15.07 3.13
CA ALA B 48 -13.59 -15.07 4.48
C ALA B 48 -14.71 -14.03 4.59
N GLY B 49 -14.47 -12.83 4.04
CA GLY B 49 -15.46 -11.76 4.10
C GLY B 49 -16.72 -12.10 3.30
N PHE B 50 -16.54 -12.81 2.19
CA PHE B 50 -17.66 -13.26 1.39
C PHE B 50 -18.47 -14.32 2.16
N GLU B 51 -17.77 -15.36 2.63
CA GLU B 51 -18.44 -16.47 3.29
C GLU B 51 -19.14 -16.01 4.57
N GLY B 52 -18.46 -15.19 5.38
CA GLY B 52 -18.99 -14.80 6.69
C GLY B 52 -20.07 -13.72 6.61
N TYR B 53 -19.87 -12.72 5.74
CA TYR B 53 -20.63 -11.48 5.83
C TYR B 53 -21.32 -11.10 4.51
N ASN B 54 -20.99 -11.78 3.41
CA ASN B 54 -21.42 -11.40 2.06
C ASN B 54 -20.83 -10.03 1.67
N VAL B 55 -19.62 -9.74 2.16
CA VAL B 55 -18.89 -8.55 1.72
C VAL B 55 -18.08 -8.93 0.48
N GLN B 56 -18.11 -8.05 -0.52
CA GLN B 56 -17.61 -8.38 -1.85
C GLN B 56 -16.14 -8.00 -1.99
N SER B 57 -15.52 -8.47 -3.08
CA SER B 57 -14.09 -8.36 -3.27
C SER B 57 -13.63 -6.93 -3.54
N ASP B 58 -14.53 -6.07 -4.05
CA ASP B 58 -14.13 -4.70 -4.39
C ASP B 58 -13.49 -4.02 -3.17
N ILE B 59 -14.22 -3.97 -2.05
CA ILE B 59 -13.71 -3.28 -0.88
C ILE B 59 -12.59 -4.10 -0.21
N LEU B 60 -12.68 -5.44 -0.23
CA LEU B 60 -11.71 -6.25 0.49
C LEU B 60 -10.35 -6.29 -0.21
N ILE B 61 -10.32 -6.22 -1.55
CA ILE B 61 -9.05 -6.11 -2.25
C ILE B 61 -8.39 -4.77 -1.96
N LEU B 62 -9.18 -3.69 -2.05
CA LEU B 62 -8.68 -2.34 -1.84
C LEU B 62 -8.12 -2.18 -0.43
N ALA B 63 -8.91 -2.52 0.60
CA ALA B 63 -8.49 -2.38 1.98
C ALA B 63 -7.42 -3.41 2.33
N GLY B 64 -7.57 -4.63 1.80
CA GLY B 64 -6.66 -5.71 2.10
C GLY B 64 -5.23 -5.41 1.70
N LYS B 65 -5.03 -4.87 0.48
CA LYS B 65 -3.69 -4.59 0.01
C LYS B 65 -3.07 -3.44 0.78
N VAL B 66 -3.87 -2.45 1.24
CA VAL B 66 -3.34 -1.43 2.13
C VAL B 66 -2.93 -2.06 3.46
N GLY B 67 -3.75 -2.99 3.96
CA GLY B 67 -3.43 -3.70 5.20
C GLY B 67 -2.14 -4.50 5.13
N MET B 68 -1.85 -5.07 3.95
CA MET B 68 -0.63 -5.84 3.78
C MET B 68 0.62 -5.00 4.05
N LEU B 69 0.57 -3.67 3.88
CA LEU B 69 1.74 -2.83 4.10
C LEU B 69 2.24 -2.90 5.53
N THR B 70 1.36 -3.31 6.47
CA THR B 70 1.68 -3.20 7.90
C THR B 70 2.63 -4.29 8.38
N SER B 71 2.86 -5.35 7.58
CA SER B 71 3.75 -6.42 7.98
C SER B 71 5.10 -6.31 7.28
N ARG B 72 6.03 -7.17 7.69
CA ARG B 72 7.33 -7.32 7.05
C ARG B 72 7.35 -8.50 6.07
N GLU B 73 6.21 -9.16 5.85
CA GLU B 73 6.15 -10.34 4.99
C GLU B 73 5.70 -9.97 3.58
N ALA B 74 5.93 -10.87 2.61
CA ALA B 74 5.74 -10.55 1.20
C ALA B 74 4.26 -10.38 0.85
N ASP B 75 3.38 -11.23 1.42
CA ASP B 75 2.01 -11.26 0.98
C ASP B 75 1.04 -11.70 2.08
N THR B 76 1.46 -11.61 3.36
CA THR B 76 0.59 -11.93 4.47
C THR B 76 0.82 -10.95 5.63
N ILE B 77 -0.15 -10.95 6.54
CA ILE B 77 -0.07 -10.25 7.82
C ILE B 77 -0.46 -11.19 8.95
N SER B 78 -0.10 -10.79 10.18
CA SER B 78 -0.83 -11.19 11.36
CA SER B 78 -0.82 -11.19 11.38
C SER B 78 -1.90 -10.13 11.65
N LEU B 79 -3.01 -10.51 12.28
CA LEU B 79 -4.03 -9.52 12.54
C LEU B 79 -3.49 -8.40 13.42
N GLU B 80 -2.60 -8.72 14.38
CA GLU B 80 -2.09 -7.67 15.26
C GLU B 80 -1.30 -6.62 14.46
N ASP B 81 -0.71 -6.99 13.34
CA ASP B 81 0.07 -6.05 12.55
C ASP B 81 -0.75 -4.82 12.16
N LEU B 82 -2.07 -5.00 11.97
CA LEU B 82 -2.95 -3.92 11.51
C LEU B 82 -3.04 -2.77 12.52
N LYS B 83 -2.47 -2.93 13.72
CA LYS B 83 -2.47 -1.84 14.70
C LYS B 83 -1.54 -0.70 14.26
N LEU B 84 -0.72 -0.91 13.22
CA LEU B 84 0.29 0.06 12.83
C LEU B 84 -0.35 1.43 12.59
N HIS B 85 0.02 2.40 13.42
CA HIS B 85 -0.65 3.69 13.39
C HIS B 85 -0.32 4.44 12.11
N GLY B 86 -1.36 4.95 11.44
CA GLY B 86 -1.19 5.80 10.28
C GLY B 86 -1.14 5.06 8.96
N THR B 87 -1.32 3.72 8.95
CA THR B 87 -1.60 3.02 7.71
C THR B 87 -3.11 3.05 7.52
N ILE B 88 -3.82 2.14 8.20
CA ILE B 88 -5.28 2.20 8.33
C ILE B 88 -5.65 2.68 9.74
N GLU B 89 -4.97 2.14 10.75
CA GLU B 89 -5.31 2.45 12.13
C GLU B 89 -5.23 3.96 12.34
N HIS B 90 -6.25 4.50 13.02
CA HIS B 90 -6.45 5.92 13.18
C HIS B 90 -6.96 6.27 14.59
N ASP B 91 -6.85 7.56 14.92
CA ASP B 91 -7.44 8.12 16.12
C ASP B 91 -8.97 8.16 16.01
N ALA B 92 -9.63 8.40 17.15
CA ALA B 92 -11.08 8.52 17.21
C ALA B 92 -11.73 7.25 16.67
N SER B 93 -11.23 6.10 17.12
CA SER B 93 -11.87 4.81 16.90
C SER B 93 -13.12 4.70 17.78
N LEU B 94 -13.99 3.75 17.45
CA LEU B 94 -15.25 3.52 18.14
C LEU B 94 -15.06 2.71 19.42
N SER B 95 -14.00 1.89 19.49
CA SER B 95 -13.88 0.92 20.57
C SER B 95 -12.44 0.74 21.07
N ARG B 96 -11.51 1.52 20.52
CA ARG B 96 -10.10 1.49 20.90
C ARG B 96 -9.68 2.91 21.30
N GLU B 97 -8.58 3.01 22.05
CA GLU B 97 -8.00 4.30 22.43
C GLU B 97 -7.05 4.81 21.35
N ASP B 98 -6.77 6.12 21.33
CA ASP B 98 -5.76 6.70 20.46
C ASP B 98 -4.37 6.24 20.93
N VAL B 99 -3.48 5.92 19.98
CA VAL B 99 -2.19 5.32 20.31
C VAL B 99 -1.34 6.27 21.18
N ALA B 100 -1.49 7.59 21.01
CA ALA B 100 -0.62 8.53 21.72
C ALA B 100 -0.97 8.59 23.20
N ILE B 101 -2.19 8.20 23.57
CA ILE B 101 -2.67 8.32 24.95
C ILE B 101 -3.18 6.98 25.50
N GLY B 102 -2.98 5.87 24.78
CA GLY B 102 -3.49 4.60 25.25
C GLY B 102 -3.29 3.47 24.25
N ASP B 103 -4.12 2.44 24.41
CA ASP B 103 -4.01 1.16 23.73
C ASP B 103 -4.88 1.22 22.47
N ASN B 104 -4.24 1.17 21.30
CA ASN B 104 -4.92 1.33 20.02
C ASN B 104 -5.29 -0.02 19.42
N LEU B 105 -5.14 -1.11 20.20
CA LEU B 105 -5.27 -2.47 19.72
C LEU B 105 -6.51 -3.17 20.25
N HIS B 106 -6.71 -3.13 21.59
CA HIS B 106 -7.72 -3.96 22.25
C HIS B 106 -9.05 -3.23 22.41
N PHE B 107 -10.13 -4.01 22.38
CA PHE B 107 -11.46 -3.52 22.72
C PHE B 107 -11.43 -2.89 24.11
N ASN B 108 -12.03 -1.70 24.23
CA ASN B 108 -12.09 -0.96 25.49
C ASN B 108 -13.54 -0.56 25.76
N GLU B 109 -14.13 -1.08 26.85
CA GLU B 109 -15.54 -0.88 27.11
C GLU B 109 -15.84 0.60 27.36
N ALA B 110 -14.96 1.33 28.05
CA ALA B 110 -15.19 2.73 28.36
C ALA B 110 -15.26 3.58 27.09
N ILE B 111 -14.44 3.25 26.08
CA ILE B 111 -14.50 3.95 24.81
C ILE B 111 -15.83 3.60 24.13
N PHE B 112 -16.16 2.30 24.13
CA PHE B 112 -17.34 1.78 23.45
C PHE B 112 -18.64 2.37 24.01
N THR B 113 -18.62 2.90 25.24
CA THR B 113 -19.81 3.44 25.89
CA THR B 113 -19.80 3.45 25.89
C THR B 113 -20.53 4.44 24.98
N THR B 114 -19.78 5.28 24.25
CA THR B 114 -20.40 6.29 23.41
C THR B 114 -21.31 5.62 22.38
N LEU B 115 -20.78 4.63 21.66
CA LEU B 115 -21.59 3.90 20.69
C LEU B 115 -22.73 3.16 21.38
N ALA B 116 -22.44 2.46 22.49
CA ALA B 116 -23.42 1.65 23.20
C ALA B 116 -24.63 2.48 23.63
N ASN B 117 -24.40 3.76 23.97
CA ASN B 117 -25.44 4.64 24.47
C ASN B 117 -26.09 5.47 23.36
N SER B 118 -25.67 5.27 22.10
CA SER B 118 -26.22 6.05 20.99
C SER B 118 -27.62 5.56 20.61
N ASN B 119 -28.33 6.42 19.88
CA ASN B 119 -29.69 6.21 19.43
C ASN B 119 -30.59 5.78 20.60
N PRO B 120 -30.67 6.59 21.68
CA PRO B 120 -31.55 6.28 22.80
C PRO B 120 -33.01 6.15 22.35
N GLY B 121 -33.72 5.16 22.91
CA GLY B 121 -35.14 4.96 22.66
C GLY B 121 -35.45 4.09 21.44
N ALA B 122 -34.41 3.59 20.76
CA ALA B 122 -34.57 2.67 19.64
C ALA B 122 -33.77 1.40 19.93
N ASP B 123 -34.11 0.30 19.25
CA ASP B 123 -33.43 -0.96 19.42
C ASP B 123 -32.43 -1.20 18.28
N VAL B 124 -32.16 -0.16 17.47
CA VAL B 124 -31.19 -0.22 16.38
C VAL B 124 -30.24 0.97 16.49
N TYR B 125 -29.04 0.80 15.91
CA TYR B 125 -28.17 1.91 15.54
C TYR B 125 -28.46 2.22 14.07
N ASN B 126 -28.34 3.50 13.66
CA ASN B 126 -28.64 3.87 12.28
C ASN B 126 -27.66 4.97 11.82
N ILE B 127 -27.91 5.54 10.64
CA ILE B 127 -26.97 6.49 10.04
C ILE B 127 -26.81 7.74 10.92
N SER B 128 -27.91 8.28 11.46
CA SER B 128 -27.83 9.50 12.24
CA SER B 128 -27.84 9.49 12.25
C SER B 128 -27.11 9.23 13.57
N SER B 129 -27.40 8.09 14.22
CA SER B 129 -26.70 7.78 15.46
C SER B 129 -25.21 7.53 15.19
N ALA B 130 -24.90 6.85 14.08
CA ALA B 130 -23.50 6.59 13.77
C ALA B 130 -22.72 7.89 13.56
N ALA B 131 -23.35 8.89 12.93
CA ALA B 131 -22.74 10.17 12.66
C ALA B 131 -22.50 10.92 13.98
N GLN B 132 -23.47 10.86 14.89
CA GLN B 132 -23.35 11.50 16.18
C GLN B 132 -22.18 10.90 16.95
N VAL B 133 -22.06 9.57 16.92
CA VAL B 133 -20.97 8.89 17.60
C VAL B 133 -19.62 9.33 17.03
N GLN B 134 -19.49 9.39 15.70
CA GLN B 134 -18.25 9.84 15.09
C GLN B 134 -17.92 11.27 15.51
N HIS B 135 -18.91 12.17 15.52
CA HIS B 135 -18.71 13.53 16.00
C HIS B 135 -18.16 13.55 17.43
N ASP B 136 -18.76 12.73 18.30
CA ASP B 136 -18.43 12.75 19.72
C ASP B 136 -17.04 12.14 19.95
N ARG B 137 -16.73 11.06 19.22
CA ARG B 137 -15.44 10.40 19.35
C ARG B 137 -14.31 11.31 18.88
N LEU B 138 -14.51 12.03 17.77
CA LEU B 138 -13.50 12.95 17.27
C LEU B 138 -13.31 14.10 18.27
N ALA B 139 -14.41 14.64 18.80
CA ALA B 139 -14.31 15.71 19.78
C ALA B 139 -13.50 15.26 21.00
N ASP B 140 -13.70 14.00 21.43
CA ASP B 140 -12.96 13.44 22.56
C ASP B 140 -11.46 13.41 22.25
N SER B 141 -11.09 12.92 21.06
CA SER B 141 -9.70 12.90 20.65
C SER B 141 -9.10 14.31 20.56
N VAL B 142 -9.85 15.28 20.00
CA VAL B 142 -9.36 16.64 19.89
C VAL B 142 -9.12 17.21 21.30
N ALA B 143 -10.01 16.87 22.25
CA ALA B 143 -9.90 17.39 23.60
C ALA B 143 -8.70 16.81 24.36
N ARG B 144 -8.43 15.51 24.18
CA ARG B 144 -7.54 14.78 25.09
C ARG B 144 -6.23 14.32 24.44
N ASN B 145 -6.11 14.41 23.10
CA ASN B 145 -4.93 13.95 22.40
C ASN B 145 -4.31 15.10 21.64
N PRO B 146 -3.21 15.73 22.11
CA PRO B 146 -2.59 16.83 21.38
C PRO B 146 -1.93 16.41 20.07
N ASN B 147 -1.82 15.10 19.84
CA ASN B 147 -1.20 14.58 18.63
C ASN B 147 -2.23 13.97 17.68
N VAL B 148 -3.51 14.34 17.84
CA VAL B 148 -4.59 13.76 17.04
C VAL B 148 -4.33 14.03 15.55
N THR B 149 -4.56 12.99 14.73
CA THR B 149 -4.53 13.10 13.28
C THR B 149 -5.94 12.88 12.76
N ASN B 150 -6.44 13.85 12.00
CA ASN B 150 -7.82 13.90 11.53
C ASN B 150 -7.84 14.55 10.15
N THR B 151 -7.92 13.70 9.11
CA THR B 151 -7.77 14.10 7.72
C THR B 151 -8.96 13.61 6.91
N ASP B 152 -9.06 14.04 5.64
CA ASP B 152 -10.10 13.54 4.75
C ASP B 152 -10.08 12.00 4.71
N LEU B 153 -8.85 11.45 4.67
CA LEU B 153 -8.69 10.01 4.60
C LEU B 153 -9.16 9.33 5.89
N THR B 154 -8.72 9.81 7.07
CA THR B 154 -9.13 9.14 8.30
C THR B 154 -10.63 9.25 8.49
N ALA B 155 -11.21 10.39 8.10
CA ALA B 155 -12.64 10.62 8.23
C ALA B 155 -13.43 9.67 7.33
N THR B 156 -12.92 9.42 6.11
CA THR B 156 -13.55 8.49 5.18
C THR B 156 -13.47 7.05 5.70
N ILE B 157 -12.29 6.67 6.21
CA ILE B 157 -12.10 5.34 6.79
C ILE B 157 -13.07 5.16 7.94
N ARG B 158 -13.20 6.17 8.81
CA ARG B 158 -14.07 6.07 9.97
C ARG B 158 -15.53 5.87 9.55
N SER B 159 -16.00 6.63 8.55
CA SER B 159 -17.36 6.46 8.07
C SER B 159 -17.54 5.08 7.42
N SER B 160 -16.50 4.56 6.75
CA SER B 160 -16.55 3.22 6.17
C SER B 160 -16.74 2.16 7.25
N GLU B 161 -16.01 2.31 8.36
CA GLU B 161 -16.12 1.39 9.48
C GLU B 161 -17.52 1.43 10.11
N SER B 162 -18.08 2.62 10.28
CA SER B 162 -19.46 2.75 10.75
C SER B 162 -20.44 2.09 9.78
N ALA B 163 -20.24 2.33 8.49
CA ALA B 163 -21.08 1.70 7.48
C ALA B 163 -20.99 0.18 7.57
N PHE B 164 -19.79 -0.35 7.86
CA PHE B 164 -19.62 -1.78 8.01
C PHE B 164 -20.45 -2.34 9.16
N TYR B 165 -20.41 -1.74 10.35
CA TYR B 165 -21.18 -2.32 11.45
C TYR B 165 -22.68 -2.20 11.17
N LEU B 166 -23.13 -1.14 10.50
CA LEU B 166 -24.55 -0.98 10.18
C LEU B 166 -25.03 -2.01 9.17
N THR B 167 -24.16 -2.44 8.24
CA THR B 167 -24.57 -3.31 7.15
C THR B 167 -24.34 -4.78 7.47
N VAL B 168 -23.14 -5.12 7.96
CA VAL B 168 -22.79 -6.52 8.13
C VAL B 168 -23.62 -7.14 9.26
N MET B 169 -23.95 -6.33 10.27
CA MET B 169 -24.69 -6.80 11.43
C MET B 169 -26.20 -6.48 11.30
N SER B 170 -26.68 -6.22 10.08
CA SER B 170 -28.07 -5.86 9.87
C SER B 170 -28.97 -7.09 10.06
N ALA B 171 -30.25 -6.81 10.35
CA ALA B 171 -31.30 -7.81 10.36
C ALA B 171 -32.00 -7.83 9.01
N GLY B 172 -32.35 -6.65 8.51
CA GLY B 172 -33.00 -6.49 7.22
C GLY B 172 -31.99 -6.24 6.10
N ASP B 173 -32.49 -5.71 4.98
CA ASP B 173 -31.62 -5.41 3.85
C ASP B 173 -30.54 -4.45 4.34
N PRO B 174 -29.25 -4.76 4.13
CA PRO B 174 -28.18 -3.84 4.54
C PRO B 174 -28.31 -2.43 3.95
N LEU B 175 -28.99 -2.29 2.79
CA LEU B 175 -29.30 -1.00 2.17
C LEU B 175 -29.85 0.01 3.17
N ARG B 176 -30.63 -0.46 4.17
CA ARG B 176 -31.38 0.42 5.05
C ARG B 176 -30.45 1.18 6.01
N GLY B 177 -29.21 0.70 6.20
CA GLY B 177 -28.27 1.39 7.05
C GLY B 177 -28.71 1.43 8.52
N GLU B 178 -29.20 0.29 9.01
CA GLU B 178 -29.52 0.16 10.44
C GLU B 178 -29.30 -1.29 10.85
N ALA B 179 -28.91 -1.46 12.12
CA ALA B 179 -28.58 -2.76 12.67
C ALA B 179 -29.04 -2.85 14.12
N PRO B 180 -29.60 -4.00 14.54
CA PRO B 180 -29.96 -4.19 15.95
C PRO B 180 -28.78 -3.95 16.89
N LYS B 181 -29.03 -3.19 17.96
CA LYS B 181 -28.04 -2.93 18.98
C LYS B 181 -27.53 -4.25 19.57
N LYS B 182 -28.43 -5.22 19.77
CA LYS B 182 -28.04 -6.49 20.36
C LYS B 182 -27.01 -7.21 19.49
N PHE B 183 -27.10 -7.06 18.16
CA PHE B 183 -26.15 -7.70 17.25
C PHE B 183 -24.81 -6.94 17.25
N VAL B 184 -24.86 -5.62 17.07
CA VAL B 184 -23.66 -4.80 16.99
C VAL B 184 -22.87 -4.89 18.30
N ASN B 185 -23.58 -4.93 19.43
CA ASN B 185 -22.90 -4.98 20.71
C ASN B 185 -22.09 -6.28 20.85
N VAL B 186 -22.66 -7.41 20.43
CA VAL B 186 -21.95 -8.68 20.50
C VAL B 186 -20.74 -8.65 19.58
N PHE B 187 -20.93 -8.09 18.38
CA PHE B 187 -19.89 -7.98 17.38
C PHE B 187 -18.64 -7.31 17.97
N PHE B 188 -18.83 -6.16 18.62
CA PHE B 188 -17.72 -5.40 19.19
C PHE B 188 -17.20 -6.03 20.48
N GLN B 189 -18.13 -6.36 21.41
CA GLN B 189 -17.74 -6.72 22.77
C GLN B 189 -17.12 -8.13 22.81
N GLU B 190 -17.59 -9.04 21.95
CA GLU B 190 -17.15 -10.42 21.99
C GLU B 190 -16.47 -10.86 20.69
N GLU B 191 -16.53 -10.02 19.64
CA GLU B 191 -16.00 -10.40 18.33
C GLU B 191 -16.53 -11.78 17.96
N ARG B 192 -17.86 -11.85 17.96
CA ARG B 192 -18.65 -13.04 17.66
C ARG B 192 -19.80 -12.68 16.73
N MET B 193 -20.15 -13.59 15.82
CA MET B 193 -21.36 -13.45 15.03
C MET B 193 -22.55 -13.82 15.91
N PRO B 194 -23.53 -12.91 16.10
CA PRO B 194 -24.61 -13.14 17.07
C PRO B 194 -25.69 -14.10 16.58
N ILE B 195 -25.30 -15.36 16.36
CA ILE B 195 -26.15 -16.38 15.74
C ILE B 195 -27.27 -16.78 16.69
N LYS B 196 -26.92 -17.10 17.95
CA LYS B 196 -27.88 -17.45 18.99
C LYS B 196 -28.91 -16.32 19.15
N GLU B 197 -28.49 -15.08 18.92
CA GLU B 197 -29.32 -13.89 19.12
C GLU B 197 -30.22 -13.61 17.91
N GLY B 198 -30.01 -14.31 16.78
CA GLY B 198 -30.90 -14.26 15.62
C GLY B 198 -30.25 -13.70 14.34
N TRP B 199 -28.97 -13.31 14.41
CA TRP B 199 -28.30 -12.77 13.23
C TRP B 199 -28.11 -13.84 12.16
N LYS B 200 -28.24 -13.44 10.88
CA LYS B 200 -27.89 -14.26 9.75
C LYS B 200 -27.12 -13.40 8.74
N ARG B 201 -26.12 -14.02 8.10
CA ARG B 201 -25.40 -13.42 7.00
C ARG B 201 -26.37 -12.79 6.00
N SER B 202 -26.06 -11.55 5.59
CA SER B 202 -26.84 -10.84 4.58
C SER B 202 -26.99 -11.68 3.32
N THR B 203 -28.21 -11.70 2.76
CA THR B 203 -28.45 -12.32 1.46
C THR B 203 -28.21 -11.31 0.34
N THR B 204 -28.02 -10.03 0.70
CA THR B 204 -27.70 -8.96 -0.24
C THR B 204 -26.20 -8.71 -0.22
N PRO B 205 -25.50 -8.71 -1.38
CA PRO B 205 -24.08 -8.41 -1.42
C PRO B 205 -23.79 -7.01 -0.87
N ILE B 206 -22.76 -6.90 -0.03
CA ILE B 206 -22.29 -5.63 0.51
C ILE B 206 -21.02 -5.26 -0.24
N ASN B 207 -21.10 -4.20 -1.06
CA ASN B 207 -20.04 -3.78 -1.96
C ASN B 207 -19.91 -2.26 -1.93
N LEU B 208 -18.98 -1.69 -2.72
CA LEU B 208 -18.75 -0.25 -2.68
C LEU B 208 -20.01 0.52 -3.12
N PRO B 209 -20.72 0.12 -4.20
CA PRO B 209 -21.96 0.82 -4.56
C PRO B 209 -22.99 0.90 -3.43
N LEU B 210 -23.11 -0.16 -2.62
CA LEU B 210 -24.06 -0.18 -1.52
C LEU B 210 -23.56 0.72 -0.40
N LEU B 211 -22.27 0.65 -0.08
CA LEU B 211 -21.72 1.34 1.08
C LEU B 211 -21.57 2.84 0.82
N GLY B 212 -21.27 3.22 -0.43
CA GLY B 212 -20.89 4.58 -0.74
C GLY B 212 -21.85 5.64 -0.21
N PRO B 213 -23.17 5.58 -0.54
CA PRO B 213 -24.11 6.59 -0.06
C PRO B 213 -24.25 6.59 1.46
N ILE B 214 -24.07 5.43 2.09
CA ILE B 214 -24.16 5.35 3.55
C ILE B 214 -22.98 6.10 4.15
N ILE B 215 -21.78 5.83 3.64
CA ILE B 215 -20.56 6.49 4.07
C ILE B 215 -20.72 8.01 3.95
N ASP B 216 -21.17 8.47 2.79
CA ASP B 216 -21.24 9.90 2.50
C ASP B 216 -22.25 10.57 3.43
N ARG B 217 -23.35 9.89 3.71
CA ARG B 217 -24.39 10.44 4.57
C ARG B 217 -23.93 10.51 6.02
N ILE B 218 -23.24 9.48 6.51
CA ILE B 218 -22.67 9.51 7.85
C ILE B 218 -21.73 10.71 7.97
N THR B 219 -20.83 10.90 7.02
CA THR B 219 -19.92 12.03 7.04
C THR B 219 -20.70 13.35 7.10
N GLU B 220 -21.70 13.49 6.23
CA GLU B 220 -22.45 14.74 6.13
C GLU B 220 -23.11 15.08 7.46
N LEU B 221 -23.72 14.09 8.13
CA LEU B 221 -24.46 14.35 9.36
C LEU B 221 -23.52 14.57 10.56
N SER B 222 -22.24 14.20 10.41
CA SER B 222 -21.30 14.23 11.52
C SER B 222 -20.69 15.61 11.80
N ASP B 223 -21.00 16.63 10.99
CA ASP B 223 -20.49 17.99 11.21
C ASP B 223 -18.97 17.98 11.36
N TRP B 224 -18.32 17.37 10.36
CA TRP B 224 -16.87 17.15 10.38
C TRP B 224 -16.10 18.33 9.78
N LYS B 225 -14.91 18.58 10.31
CA LYS B 225 -13.93 19.48 9.72
C LYS B 225 -12.54 18.85 9.89
N PRO B 226 -11.59 19.07 8.94
CA PRO B 226 -10.23 18.57 9.09
C PRO B 226 -9.46 19.24 10.23
N THR B 227 -8.38 18.58 10.67
CA THR B 227 -7.42 19.12 11.62
C THR B 227 -6.05 19.34 10.95
N GLY B 228 -5.44 20.51 11.19
CA GLY B 228 -4.04 20.76 10.84
C GLY B 228 -3.77 20.71 9.33
N ASP B 229 -2.68 20.04 8.96
CA ASP B 229 -2.22 19.93 7.58
C ASP B 229 -3.24 19.28 6.66
N ASN B 230 -4.11 18.41 7.19
CA ASN B 230 -5.02 17.59 6.39
C ASN B 230 -4.24 16.82 5.32
N CYS B 231 -3.14 16.19 5.74
CA CYS B 231 -2.31 15.42 4.83
C CYS B 231 -2.73 13.94 4.89
N GLY B 232 -3.28 13.43 3.78
CA GLY B 232 -3.79 12.07 3.70
C GLY B 232 -2.73 11.04 3.32
N ALA B 233 -1.51 11.19 3.88
CA ALA B 233 -0.38 10.30 3.60
C ALA B 233 -0.39 9.11 4.54
N ILE B 234 -0.44 7.89 4.00
CA ILE B 234 -0.35 6.69 4.80
C ILE B 234 1.11 6.31 5.05
N VAL B 235 1.32 5.60 6.16
CA VAL B 235 2.57 4.93 6.48
C VAL B 235 2.71 3.69 5.60
N LEU B 236 3.88 3.55 4.94
CA LEU B 236 4.02 2.60 3.85
C LEU B 236 4.58 1.26 4.29
N GLY B 237 5.04 1.16 5.54
CA GLY B 237 5.52 -0.09 6.10
C GLY B 237 5.97 0.11 7.55
N PRO B 238 6.22 -0.98 8.30
CA PRO B 238 6.61 -0.86 9.70
C PRO B 238 8.08 -0.42 9.83
N GLY B 239 8.37 0.33 10.90
CA GLY B 239 9.74 0.65 11.28
C GLY B 239 10.52 1.46 10.26
N LEU B 240 9.89 2.51 9.70
CA LEU B 240 10.57 3.42 8.79
C LEU B 240 10.96 4.69 9.55
#